data_4YUW
#
_entry.id   4YUW
#
_cell.length_a   95.190
_cell.length_b   141.180
_cell.length_c   43.709
_cell.angle_alpha   90.00
_cell.angle_beta   90.00
_cell.angle_gamma   90.00
#
_symmetry.space_group_name_H-M   'P 21 21 2'
#
loop_
_entity.id
_entity.type
_entity.pdbx_description
1 polymer 'Spermidine synthase, putative'
2 non-polymer "5'-[(S)-(3-AMINOPROPYL)(METHYL)-LAMBDA~4~-SULFANYL]-5'-DEOXYADENOSINE"
3 non-polymer trans-4-methylcyclohexanamine
4 water water
#
_entity_poly.entity_id   1
_entity_poly.type   'polypeptide(L)'
_entity_poly.pdbx_seq_one_letter_code
;MAHHHHHHMPGSELISGGWFREENDQWPGQAMSLRVEKVLYDAPTKFQHLTIFESDPKGPWGTVMALDGCIQVTDYDEFV
YHEVLGHTSLCSHPKPERVLIIGGGDGGVLREVLRHGTVEHCDLVDIDGEVMEQSKQHFPQISRSLADPRATVRVGDGLA
FVRQTPDNTYDVVIIDTTDPAGPASKLFGEAFYKDVLRILKPDGICCNQGESIWLDLELIEKMSRFIRETGFASVQYALM
HVPTYPCGSIGTLVCSKKAGVDVTKPLRPVEDMPFAKDLKYYDSEMHKASFALPRFARHINNSE
;
_entity_poly.pdbx_strand_id   A,B
#
loop_
_chem_comp.id
_chem_comp.type
_chem_comp.name
_chem_comp.formula
4JU non-polymer trans-4-methylcyclohexanamine 'C7 H15 N'
S4M non-polymer 5'-[(S)-(3-AMINOPROPYL)(METHYL)-LAMBDA~4~-SULFANYL]-5'-DEOXYADENOSINE 'C14 H24 N6 O3 S'
#
# COMPACT_ATOMS: atom_id res chain seq x y z
N MET A 9 6.11 26.39 0.25
CA MET A 9 7.47 25.85 -0.01
C MET A 9 7.58 25.55 -1.52
N PRO A 10 7.29 24.32 -2.05
CA PRO A 10 7.73 24.04 -3.48
C PRO A 10 6.87 24.48 -4.70
N GLY A 11 7.55 24.74 -5.80
CA GLY A 11 6.88 25.25 -7.00
C GLY A 11 7.30 24.54 -8.28
N SER A 12 7.58 25.37 -9.30
CA SER A 12 7.89 24.91 -10.68
C SER A 12 9.22 24.16 -10.75
N GLU A 13 10.07 24.35 -9.74
CA GLU A 13 11.40 23.77 -9.76
C GLU A 13 11.33 22.27 -9.51
N LEU A 14 10.16 21.72 -9.20
CA LEU A 14 10.07 20.26 -9.05
C LEU A 14 10.10 19.49 -10.38
N ILE A 15 9.96 20.21 -11.50
CA ILE A 15 10.09 19.62 -12.84
C ILE A 15 11.50 19.96 -13.30
N SER A 16 12.28 18.92 -13.53
CA SER A 16 13.66 19.10 -14.02
C SER A 16 14.12 17.81 -14.69
N GLY A 17 14.79 18.00 -15.81
CA GLY A 17 15.30 16.90 -16.67
C GLY A 17 14.23 15.95 -17.21
N GLY A 18 13.04 16.48 -17.55
CA GLY A 18 11.93 15.65 -18.05
C GLY A 18 11.08 14.95 -16.97
N TRP A 19 11.35 15.20 -15.69
CA TRP A 19 10.70 14.47 -14.60
C TRP A 19 10.11 15.41 -13.53
N PHE A 20 9.00 14.99 -12.93
CA PHE A 20 8.52 15.65 -11.72
C PHE A 20 9.00 14.87 -10.48
N ARG A 21 9.53 15.56 -9.49
CA ARG A 21 10.08 14.86 -8.33
C ARG A 21 9.39 15.44 -7.10
N GLU A 22 8.65 14.58 -6.40
CA GLU A 22 7.80 15.02 -5.30
C GLU A 22 8.65 15.20 -4.04
N GLU A 23 9.63 16.12 -4.08
CA GLU A 23 10.46 16.31 -2.87
C GLU A 23 9.79 17.30 -1.94
N ASN A 24 9.78 17.01 -0.64
CA ASN A 24 9.03 17.81 0.31
C ASN A 24 9.60 17.59 1.69
N ASP A 25 9.68 18.65 2.51
CA ASP A 25 10.17 18.38 3.88
C ASP A 25 9.15 17.65 4.77
N GLN A 26 7.90 17.45 4.30
CA GLN A 26 6.97 16.60 5.05
C GLN A 26 7.32 15.13 4.93
N TRP A 27 8.16 14.76 3.95
CA TRP A 27 8.68 13.37 3.86
C TRP A 27 10.17 13.44 3.48
N PRO A 28 11.00 13.86 4.44
CA PRO A 28 12.38 14.15 4.05
C PRO A 28 13.09 12.88 3.56
N GLY A 29 13.91 13.02 2.52
CA GLY A 29 14.79 11.91 2.06
C GLY A 29 14.20 11.02 0.95
N GLN A 30 12.94 11.26 0.58
CA GLN A 30 12.31 10.43 -0.39
C GLN A 30 11.47 11.25 -1.37
N ALA A 31 11.25 10.73 -2.57
CA ALA A 31 10.32 11.38 -3.49
C ALA A 31 9.90 10.39 -4.55
N MET A 32 8.59 10.24 -4.79
CA MET A 32 8.08 9.65 -6.01
C MET A 32 8.43 10.54 -7.19
N SER A 33 8.92 9.91 -8.26
CA SER A 33 9.22 10.67 -9.49
C SER A 33 8.36 10.16 -10.66
N LEU A 34 7.88 11.08 -11.50
CA LEU A 34 7.10 10.73 -12.69
C LEU A 34 7.67 11.49 -13.89
N ARG A 35 7.86 10.80 -15.04
CA ARG A 35 8.37 11.44 -16.26
C ARG A 35 7.26 12.36 -16.77
N VAL A 36 7.62 13.54 -17.28
CA VAL A 36 6.64 14.55 -17.70
C VAL A 36 6.59 14.49 -19.19
N GLU A 37 5.44 14.23 -19.78
CA GLU A 37 5.29 14.38 -21.21
C GLU A 37 4.97 15.83 -21.69
N LYS A 38 3.99 16.47 -21.07
CA LYS A 38 3.59 17.82 -21.44
C LYS A 38 3.10 18.52 -20.18
N VAL A 39 3.62 19.70 -19.89
CA VAL A 39 3.12 20.46 -18.77
C VAL A 39 1.82 21.17 -19.25
N LEU A 40 0.75 21.06 -18.48
CA LEU A 40 -0.55 21.57 -18.87
C LEU A 40 -0.94 22.86 -18.12
N TYR A 41 -0.41 23.03 -16.91
CA TYR A 41 -0.68 24.19 -16.09
C TYR A 41 0.37 24.23 -15.03
N ASP A 42 0.85 25.41 -14.70
CA ASP A 42 1.89 25.48 -13.68
C ASP A 42 2.07 26.90 -13.18
N ALA A 43 1.47 27.28 -12.06
CA ALA A 43 1.38 28.69 -11.69
C ALA A 43 0.82 28.77 -10.32
N PRO A 44 1.10 29.88 -9.62
CA PRO A 44 0.48 30.05 -8.34
C PRO A 44 -0.95 30.45 -8.54
N THR A 45 -1.77 29.98 -7.61
CA THR A 45 -3.20 30.25 -7.50
C THR A 45 -3.21 31.40 -6.45
N LYS A 46 -4.38 31.82 -5.97
CA LYS A 46 -4.44 32.72 -4.81
C LYS A 46 -3.93 32.04 -3.57
N PHE A 47 -3.93 30.70 -3.51
CA PHE A 47 -3.56 30.05 -2.24
C PHE A 47 -2.39 29.10 -2.29
N GLN A 48 -2.14 28.51 -3.46
CA GLN A 48 -1.18 27.44 -3.50
C GLN A 48 -0.58 27.29 -4.91
N HIS A 49 0.54 26.59 -5.01
CA HIS A 49 1.12 26.33 -6.32
C HIS A 49 0.43 25.13 -6.99
N LEU A 50 -0.11 25.34 -8.20
CA LEU A 50 -0.81 24.30 -8.88
C LEU A 50 -0.03 23.85 -10.10
N THR A 51 0.28 22.53 -10.17
CA THR A 51 0.98 21.93 -11.35
C THR A 51 0.15 20.79 -11.87
N ILE A 52 -0.21 20.85 -13.15
CA ILE A 52 -0.92 19.76 -13.85
C ILE A 52 -0.09 19.29 -15.05
N PHE A 53 0.15 17.98 -15.19
CA PHE A 53 0.94 17.50 -16.35
C PHE A 53 0.46 16.19 -16.90
N GLU A 54 0.70 16.01 -18.19
CA GLU A 54 0.52 14.71 -18.79
C GLU A 54 1.81 13.93 -18.52
N SER A 55 1.66 12.74 -17.95
CA SER A 55 2.80 11.90 -17.58
C SER A 55 3.16 11.00 -18.76
N ASP A 56 4.21 10.20 -18.61
CA ASP A 56 4.70 9.39 -19.74
C ASP A 56 3.63 8.43 -20.32
N PRO A 57 3.33 8.55 -21.64
CA PRO A 57 2.28 7.64 -22.13
C PRO A 57 2.70 6.18 -22.22
N LYS A 58 3.99 5.92 -22.03
CA LYS A 58 4.50 4.57 -21.84
C LYS A 58 4.09 4.02 -20.47
N GLY A 59 3.91 4.86 -19.47
CA GLY A 59 3.41 4.40 -18.17
C GLY A 59 1.86 4.55 -18.07
N PRO A 60 1.27 4.08 -16.97
CA PRO A 60 -0.20 4.04 -16.86
C PRO A 60 -0.85 5.30 -16.21
N TRP A 61 -0.05 6.24 -15.68
CA TRP A 61 -0.57 7.31 -14.79
C TRP A 61 -1.49 8.39 -15.47
N GLY A 62 -1.34 8.64 -16.78
CA GLY A 62 -2.18 9.68 -17.43
C GLY A 62 -1.87 11.06 -16.86
N THR A 63 -2.91 11.87 -16.69
CA THR A 63 -2.74 13.28 -16.22
C THR A 63 -2.52 13.34 -14.71
N VAL A 64 -1.70 14.27 -14.20
CA VAL A 64 -1.31 14.28 -12.79
C VAL A 64 -1.50 15.68 -12.28
N MET A 65 -2.03 15.83 -11.07
CA MET A 65 -2.20 17.18 -10.44
C MET A 65 -1.41 17.20 -9.13
N ALA A 66 -0.66 18.28 -8.91
CA ALA A 66 0.05 18.51 -7.68
C ALA A 66 -0.33 19.89 -7.15
N LEU A 67 -0.36 20.03 -5.84
CA LEU A 67 -0.64 21.31 -5.12
C LEU A 67 0.49 21.49 -4.13
N ASP A 68 1.19 22.62 -4.22
CA ASP A 68 2.34 22.95 -3.36
C ASP A 68 3.33 21.79 -3.47
N GLY A 69 3.38 21.20 -4.66
CA GLY A 69 4.36 20.13 -4.96
C GLY A 69 3.95 18.71 -4.50
N CYS A 70 2.74 18.58 -3.93
CA CYS A 70 2.25 17.24 -3.49
C CYS A 70 1.21 16.69 -4.48
N ILE A 71 1.43 15.48 -4.96
CA ILE A 71 0.54 14.85 -5.89
C ILE A 71 -0.84 14.68 -5.22
N GLN A 72 -1.90 15.17 -5.91
CA GLN A 72 -3.30 15.15 -5.40
C GLN A 72 -4.09 14.04 -6.06
N VAL A 73 -3.90 13.94 -7.37
CA VAL A 73 -4.68 12.99 -8.19
C VAL A 73 -3.90 12.52 -9.43
N THR A 74 -4.05 11.26 -9.87
CA THR A 74 -3.68 10.87 -11.23
C THR A 74 -4.86 10.15 -11.86
N ASP A 75 -4.93 10.13 -13.18
CA ASP A 75 -6.02 9.35 -13.81
C ASP A 75 -6.08 7.91 -13.34
N TYR A 76 -4.94 7.27 -13.17
CA TYR A 76 -4.92 5.79 -13.00
C TYR A 76 -5.46 5.27 -11.67
N ASP A 77 -5.12 5.92 -10.57
CA ASP A 77 -5.47 5.42 -9.26
C ASP A 77 -6.38 6.36 -8.44
N GLU A 78 -6.93 7.42 -9.02
CA GLU A 78 -7.78 8.36 -8.24
C GLU A 78 -9.03 7.66 -7.64
N PHE A 79 -9.52 6.60 -8.30
CA PHE A 79 -10.74 5.94 -7.83
C PHE A 79 -10.56 5.38 -6.38
N VAL A 80 -9.35 5.05 -5.94
CA VAL A 80 -9.22 4.38 -4.65
C VAL A 80 -9.74 5.28 -3.52
N TYR A 81 -9.05 6.43 -3.42
CA TYR A 81 -9.25 7.37 -2.28
C TYR A 81 -10.68 7.93 -2.35
N HIS A 82 -11.15 8.24 -3.56
CA HIS A 82 -12.50 8.80 -3.68
C HIS A 82 -13.57 7.76 -3.31
N GLU A 83 -13.43 6.51 -3.75
CA GLU A 83 -14.35 5.44 -3.28
C GLU A 83 -14.28 5.15 -1.76
N VAL A 84 -13.08 5.05 -1.26
CA VAL A 84 -12.93 4.75 0.15
C VAL A 84 -13.61 5.86 1.01
N LEU A 85 -13.33 7.13 0.73
CA LEU A 85 -13.84 8.23 1.60
C LEU A 85 -15.37 8.32 1.42
N GLY A 86 -15.84 8.26 0.16
CA GLY A 86 -17.25 8.46 -0.11
C GLY A 86 -18.04 7.26 0.48
N HIS A 87 -17.64 6.03 0.20
CA HIS A 87 -18.50 4.90 0.56
C HIS A 87 -18.25 4.35 1.99
N THR A 88 -17.00 4.41 2.50
CA THR A 88 -16.82 3.92 3.86
C THR A 88 -17.68 4.77 4.85
N SER A 89 -17.75 6.08 4.60
CA SER A 89 -18.51 6.95 5.50
C SER A 89 -20.03 6.77 5.26
N LEU A 90 -20.49 6.83 4.00
CA LEU A 90 -21.95 6.76 3.75
C LEU A 90 -22.53 5.38 4.08
N CYS A 91 -21.77 4.31 3.79
CA CYS A 91 -22.25 2.99 4.14
C CYS A 91 -22.22 2.73 5.66
N SER A 92 -21.59 3.64 6.43
CA SER A 92 -21.63 3.54 7.90
C SER A 92 -22.81 4.31 8.52
N HIS A 93 -23.49 5.12 7.71
CA HIS A 93 -24.60 5.96 8.17
C HIS A 93 -25.98 5.30 7.88
N PRO A 94 -26.94 5.36 8.83
CA PRO A 94 -28.24 4.68 8.56
C PRO A 94 -29.01 5.29 7.38
N LYS A 95 -28.83 6.58 7.10
CA LYS A 95 -29.61 7.22 6.02
C LYS A 95 -29.04 8.61 5.72
N PRO A 96 -27.88 8.67 5.00
CA PRO A 96 -27.16 9.91 4.77
C PRO A 96 -27.87 10.78 3.74
N GLU A 97 -28.48 11.87 4.19
CA GLU A 97 -29.31 12.68 3.26
C GLU A 97 -28.66 14.03 2.92
N ARG A 98 -27.97 14.59 3.90
CA ARG A 98 -27.25 15.84 3.69
C ARG A 98 -25.77 15.66 3.99
N VAL A 99 -24.91 16.07 3.05
CA VAL A 99 -23.53 15.75 3.23
C VAL A 99 -22.77 17.02 3.01
N LEU A 100 -21.68 17.20 3.76
CA LEU A 100 -20.78 18.32 3.55
C LEU A 100 -19.45 17.71 3.12
N ILE A 101 -18.83 18.28 2.09
CA ILE A 101 -17.47 17.93 1.75
C ILE A 101 -16.62 19.18 1.91
N ILE A 102 -15.58 19.08 2.78
CA ILE A 102 -14.60 20.12 2.96
C ILE A 102 -13.38 19.77 2.07
N GLY A 103 -12.96 20.68 1.22
CA GLY A 103 -11.83 20.41 0.31
C GLY A 103 -12.50 19.78 -0.88
N GLY A 104 -11.86 18.79 -1.46
CA GLY A 104 -12.52 18.02 -2.52
C GLY A 104 -12.83 18.77 -3.80
N GLY A 105 -12.11 19.88 -4.11
CA GLY A 105 -12.49 20.75 -5.24
C GLY A 105 -12.36 20.06 -6.62
N ASP A 106 -11.64 18.91 -6.66
CA ASP A 106 -11.52 18.08 -7.88
C ASP A 106 -12.82 17.36 -8.26
N GLY A 107 -13.73 17.18 -7.28
CA GLY A 107 -15.09 16.60 -7.48
C GLY A 107 -15.18 15.10 -7.16
N GLY A 108 -14.05 14.49 -6.78
CA GLY A 108 -13.94 13.00 -6.85
C GLY A 108 -14.76 12.33 -5.77
N VAL A 109 -14.60 12.82 -4.54
CA VAL A 109 -15.45 12.31 -3.44
C VAL A 109 -16.92 12.63 -3.73
N LEU A 110 -17.17 13.82 -4.26
CA LEU A 110 -18.52 14.24 -4.59
C LEU A 110 -19.17 13.24 -5.61
N ARG A 111 -18.40 12.85 -6.62
CA ARG A 111 -18.85 11.86 -7.63
C ARG A 111 -19.35 10.59 -6.90
N GLU A 112 -18.57 10.13 -5.92
CA GLU A 112 -18.92 8.91 -5.19
C GLU A 112 -20.14 9.12 -4.28
N VAL A 113 -20.16 10.24 -3.57
CA VAL A 113 -21.26 10.52 -2.67
C VAL A 113 -22.59 10.54 -3.47
N LEU A 114 -22.57 11.13 -4.63
CA LEU A 114 -23.82 11.25 -5.41
C LEU A 114 -24.27 9.92 -6.01
N ARG A 115 -23.45 8.87 -5.95
CA ARG A 115 -24.04 7.59 -6.38
C ARG A 115 -25.12 7.13 -5.39
N HIS A 116 -25.05 7.55 -4.11
CA HIS A 116 -26.03 7.11 -3.14
C HIS A 116 -27.41 7.76 -3.38
N GLY A 117 -28.43 6.91 -3.45
CA GLY A 117 -29.85 7.36 -3.62
C GLY A 117 -30.42 8.10 -2.42
N THR A 118 -29.91 7.83 -1.22
CA THR A 118 -30.36 8.53 -0.07
C THR A 118 -29.98 10.03 -0.02
N VAL A 119 -28.95 10.45 -0.75
CA VAL A 119 -28.40 11.79 -0.63
C VAL A 119 -29.35 12.80 -1.33
N GLU A 120 -29.87 13.77 -0.59
CA GLU A 120 -30.74 14.78 -1.19
C GLU A 120 -29.92 16.00 -1.55
N HIS A 121 -28.89 16.32 -0.77
CA HIS A 121 -28.09 17.51 -1.07
C HIS A 121 -26.66 17.34 -0.54
N CYS A 122 -25.66 17.85 -1.27
CA CYS A 122 -24.27 17.84 -0.81
C CYS A 122 -23.66 19.25 -1.01
N ASP A 123 -23.17 19.86 0.07
CA ASP A 123 -22.41 21.11 -0.02
C ASP A 123 -20.93 20.74 -0.13
N LEU A 124 -20.19 21.46 -0.97
CA LEU A 124 -18.79 21.17 -1.12
C LEU A 124 -18.12 22.52 -1.01
N VAL A 125 -17.13 22.61 -0.14
CA VAL A 125 -16.48 23.87 0.11
C VAL A 125 -14.96 23.71 0.01
N ASP A 126 -14.32 24.38 -0.95
CA ASP A 126 -12.88 24.27 -1.14
C ASP A 126 -12.37 25.69 -1.30
N ILE A 127 -11.20 25.93 -0.68
CA ILE A 127 -10.62 27.30 -0.63
C ILE A 127 -10.13 27.77 -2.00
N ASP A 128 -9.86 26.82 -2.93
CA ASP A 128 -9.20 27.18 -4.18
C ASP A 128 -10.05 27.03 -5.47
N GLY A 129 -10.70 28.13 -5.90
CA GLY A 129 -11.49 28.07 -7.11
C GLY A 129 -10.74 27.61 -8.33
N GLU A 130 -9.43 27.91 -8.39
CA GLU A 130 -8.62 27.47 -9.53
C GLU A 130 -8.48 25.92 -9.60
N VAL A 131 -8.46 25.22 -8.45
CA VAL A 131 -8.46 23.79 -8.47
C VAL A 131 -9.72 23.30 -9.16
N MET A 132 -10.87 23.85 -8.76
CA MET A 132 -12.13 23.43 -9.39
C MET A 132 -12.09 23.69 -10.86
N GLU A 133 -11.62 24.88 -11.25
CA GLU A 133 -11.59 25.25 -12.70
C GLU A 133 -10.69 24.28 -13.51
N GLN A 134 -9.51 23.99 -12.97
CA GLN A 134 -8.53 23.11 -13.69
C GLN A 134 -8.96 21.66 -13.68
N SER A 135 -9.71 21.30 -12.63
CA SER A 135 -10.25 19.96 -12.59
C SER A 135 -11.31 19.76 -13.65
N LYS A 136 -12.17 20.77 -13.83
CA LYS A 136 -13.12 20.68 -14.94
C LYS A 136 -12.40 20.61 -16.31
N GLN A 137 -11.31 21.33 -16.50
CA GLN A 137 -10.60 21.29 -17.76
C GLN A 137 -9.78 20.04 -18.02
N HIS A 138 -9.07 19.53 -17.01
CA HIS A 138 -8.11 18.42 -17.21
C HIS A 138 -8.54 17.05 -16.65
N PHE A 139 -9.54 17.03 -15.76
CA PHE A 139 -10.01 15.80 -15.14
C PHE A 139 -11.52 15.68 -15.23
N PRO A 140 -12.10 15.70 -16.46
CA PRO A 140 -13.59 15.67 -16.60
C PRO A 140 -14.24 14.45 -15.93
N GLN A 141 -13.56 13.30 -15.87
CA GLN A 141 -14.13 12.09 -15.24
C GLN A 141 -14.17 12.15 -13.71
N ILE A 142 -13.37 13.06 -13.14
CA ILE A 142 -13.38 13.30 -11.69
C ILE A 142 -14.36 14.43 -11.37
N SER A 143 -14.41 15.43 -12.23
CA SER A 143 -15.03 16.69 -11.89
C SER A 143 -16.45 16.81 -12.45
N ARG A 144 -16.94 15.79 -13.18
CA ARG A 144 -18.32 15.80 -13.75
C ARG A 144 -19.42 16.12 -12.71
N SER A 145 -19.20 15.65 -11.48
CA SER A 145 -20.06 15.81 -10.30
C SER A 145 -20.33 17.25 -9.87
N LEU A 146 -19.36 18.14 -10.12
CA LEU A 146 -19.46 19.52 -9.66
C LEU A 146 -20.68 20.27 -10.22
N ALA A 147 -21.18 19.88 -11.40
CA ALA A 147 -22.32 20.54 -12.02
C ALA A 147 -23.62 19.86 -11.59
N ASP A 148 -23.58 18.87 -10.69
CA ASP A 148 -24.82 18.14 -10.35
C ASP A 148 -25.82 19.03 -9.58
N PRO A 149 -27.11 18.97 -9.99
CA PRO A 149 -28.09 19.79 -9.28
C PRO A 149 -28.19 19.45 -7.79
N ARG A 150 -27.78 18.26 -7.35
CA ARG A 150 -27.83 17.94 -5.94
C ARG A 150 -26.67 18.55 -5.09
N ALA A 151 -25.69 19.20 -5.76
CA ALA A 151 -24.50 19.78 -5.11
C ALA A 151 -24.61 21.31 -5.09
N THR A 152 -24.26 21.93 -3.98
CA THR A 152 -23.93 23.35 -3.99
C THR A 152 -22.41 23.46 -3.79
N VAL A 153 -21.71 24.01 -4.78
CA VAL A 153 -20.26 24.21 -4.67
C VAL A 153 -19.91 25.64 -4.16
N ARG A 154 -19.08 25.74 -3.12
CA ARG A 154 -18.63 27.02 -2.61
C ARG A 154 -17.09 27.16 -2.69
N VAL A 155 -16.60 28.35 -3.06
CA VAL A 155 -15.16 28.68 -2.87
C VAL A 155 -15.01 29.36 -1.53
N GLY A 156 -14.39 28.70 -0.56
CA GLY A 156 -14.18 29.39 0.72
C GLY A 156 -13.36 28.53 1.65
N ASP A 157 -12.96 29.09 2.80
CA ASP A 157 -12.19 28.34 3.76
C ASP A 157 -13.16 27.41 4.52
N GLY A 158 -12.82 26.12 4.61
CA GLY A 158 -13.62 25.13 5.36
C GLY A 158 -13.79 25.46 6.82
N LEU A 159 -12.76 26.06 7.45
CA LEU A 159 -12.79 26.38 8.89
C LEU A 159 -13.92 27.38 9.19
N ALA A 160 -13.94 28.47 8.41
CA ALA A 160 -14.91 29.52 8.58
C ALA A 160 -16.28 28.98 8.21
N PHE A 161 -16.34 28.15 7.14
CA PHE A 161 -17.64 27.60 6.71
C PHE A 161 -18.27 26.78 7.88
N VAL A 162 -17.51 25.86 8.48
CA VAL A 162 -18.09 25.06 9.56
C VAL A 162 -18.39 25.96 10.78
N ARG A 163 -17.57 26.97 11.00
CA ARG A 163 -17.85 27.80 12.18
C ARG A 163 -19.17 28.60 12.01
N GLN A 164 -19.58 28.78 10.76
CA GLN A 164 -20.75 29.55 10.44
C GLN A 164 -21.99 28.70 10.26
N THR A 165 -21.84 27.37 10.30
CA THR A 165 -22.93 26.43 10.09
C THR A 165 -23.70 26.18 11.38
N PRO A 166 -25.04 26.10 11.32
CA PRO A 166 -25.84 25.81 12.54
C PRO A 166 -25.59 24.42 13.14
N ASP A 167 -25.87 24.24 14.43
CA ASP A 167 -25.76 22.90 14.98
C ASP A 167 -26.63 21.92 14.17
N ASN A 168 -26.27 20.63 14.19
CA ASN A 168 -27.13 19.56 13.71
C ASN A 168 -27.57 19.77 12.25
N THR A 169 -26.64 20.12 11.37
CA THR A 169 -27.05 20.40 9.97
C THR A 169 -26.83 19.14 9.06
N TYR A 170 -25.75 18.40 9.30
CA TYR A 170 -25.27 17.41 8.31
C TYR A 170 -25.29 15.98 8.84
N ASP A 171 -25.55 15.03 7.95
CA ASP A 171 -25.49 13.62 8.25
C ASP A 171 -24.07 13.09 8.21
N VAL A 172 -23.31 13.64 7.27
CA VAL A 172 -21.96 13.20 7.07
C VAL A 172 -21.11 14.38 6.71
N VAL A 173 -19.89 14.45 7.25
CA VAL A 173 -18.94 15.51 6.86
C VAL A 173 -17.70 14.77 6.39
N ILE A 174 -17.25 15.09 5.20
CA ILE A 174 -16.04 14.48 4.73
C ILE A 174 -15.01 15.55 4.52
N ILE A 175 -13.83 15.37 5.11
CA ILE A 175 -12.78 16.36 5.11
C ILE A 175 -11.62 15.86 4.21
N ASP A 176 -11.69 16.25 2.94
CA ASP A 176 -10.78 15.84 1.87
C ASP A 176 -9.76 16.92 1.59
N THR A 177 -8.71 16.97 2.42
CA THR A 177 -7.80 18.13 2.39
C THR A 177 -6.41 17.78 1.82
N THR A 178 -5.68 18.79 1.44
CA THR A 178 -4.26 18.69 1.25
C THR A 178 -3.56 18.37 2.62
N ASP A 179 -2.26 18.11 2.55
CA ASP A 179 -1.40 17.95 3.74
C ASP A 179 -1.41 19.17 4.72
N PRO A 180 -0.89 18.97 5.94
CA PRO A 180 -1.03 20.13 6.86
C PRO A 180 -0.24 21.43 6.50
N ALA A 181 0.85 21.33 5.72
CA ALA A 181 1.57 22.52 5.31
C ALA A 181 0.80 23.18 4.19
N GLY A 182 0.30 24.40 4.47
CA GLY A 182 -0.43 25.23 3.49
C GLY A 182 -1.82 25.58 4.03
N PRO A 183 -2.76 25.91 3.14
CA PRO A 183 -4.04 26.40 3.70
C PRO A 183 -4.88 25.36 4.52
N ALA A 184 -4.54 24.06 4.51
CA ALA A 184 -5.34 23.05 5.28
C ALA A 184 -4.91 23.02 6.74
N SER A 185 -3.90 23.83 7.04
CA SER A 185 -3.25 23.75 8.35
C SER A 185 -4.22 23.54 9.54
N LYS A 186 -5.16 24.48 9.75
CA LYS A 186 -6.01 24.43 10.93
C LYS A 186 -7.08 23.35 10.86
N LEU A 187 -7.32 22.80 9.67
CA LEU A 187 -8.19 21.64 9.50
C LEU A 187 -7.66 20.33 10.10
N PHE A 188 -6.42 20.34 10.56
CA PHE A 188 -5.91 19.21 11.33
C PHE A 188 -5.97 19.45 12.83
N GLY A 189 -6.67 20.52 13.23
CA GLY A 189 -6.65 21.03 14.61
C GLY A 189 -7.91 20.68 15.40
N GLU A 190 -7.73 20.59 16.71
CA GLU A 190 -8.79 20.15 17.61
C GLU A 190 -10.00 21.10 17.61
N ALA A 191 -9.76 22.42 17.47
CA ALA A 191 -10.84 23.47 17.34
C ALA A 191 -11.78 23.22 16.17
N PHE A 192 -11.18 22.86 15.04
CA PHE A 192 -11.98 22.49 13.86
C PHE A 192 -12.84 21.24 14.13
N TYR A 193 -12.26 20.19 14.71
CA TYR A 193 -13.04 18.96 14.98
C TYR A 193 -14.18 19.18 15.99
N LYS A 194 -13.96 20.10 16.93
CA LYS A 194 -15.05 20.50 17.84
C LYS A 194 -16.23 21.04 17.07
N ASP A 195 -15.97 21.95 16.13
CA ASP A 195 -17.02 22.45 15.29
C ASP A 195 -17.65 21.42 14.38
N VAL A 196 -16.82 20.53 13.82
CA VAL A 196 -17.38 19.44 12.99
C VAL A 196 -18.37 18.62 13.84
N LEU A 197 -17.98 18.28 15.06
CA LEU A 197 -18.88 17.52 15.89
C LEU A 197 -20.25 18.26 16.10
N ARG A 198 -20.15 19.56 16.30
CA ARG A 198 -21.32 20.41 16.61
C ARG A 198 -22.28 20.47 15.40
N ILE A 199 -21.73 20.57 14.21
CA ILE A 199 -22.58 20.64 13.01
C ILE A 199 -23.13 19.29 12.51
N LEU A 200 -22.56 18.17 13.01
CA LEU A 200 -23.21 16.86 12.75
C LEU A 200 -24.51 16.71 13.54
N LYS A 201 -25.51 16.05 12.93
CA LYS A 201 -26.70 15.57 13.61
C LYS A 201 -26.32 14.44 14.55
N PRO A 202 -27.26 14.06 15.44
CA PRO A 202 -26.94 13.15 16.52
C PRO A 202 -26.36 11.82 15.99
N ASP A 203 -26.78 11.35 14.82
CA ASP A 203 -26.21 10.07 14.26
C ASP A 203 -25.16 10.29 13.19
N GLY A 204 -24.52 11.45 13.27
CA GLY A 204 -23.57 11.88 12.27
C GLY A 204 -22.27 11.07 12.24
N ILE A 205 -21.69 11.05 11.05
CA ILE A 205 -20.40 10.39 10.75
C ILE A 205 -19.49 11.46 10.10
N CYS A 206 -18.22 11.39 10.40
CA CYS A 206 -17.23 12.29 9.81
C CYS A 206 -16.08 11.41 9.36
N CYS A 207 -15.42 11.69 8.23
CA CYS A 207 -14.13 11.00 7.96
C CYS A 207 -13.23 12.03 7.31
N ASN A 208 -11.92 11.78 7.30
CA ASN A 208 -10.99 12.83 6.88
C ASN A 208 -9.89 12.29 6.00
N GLN A 209 -8.96 13.17 5.66
CA GLN A 209 -7.76 12.74 4.94
C GLN A 209 -6.81 12.55 6.11
N GLY A 210 -6.53 11.29 6.47
CA GLY A 210 -5.89 11.04 7.73
C GLY A 210 -4.42 10.70 7.71
N GLU A 211 -3.77 10.85 6.55
CA GLU A 211 -2.32 10.78 6.47
C GLU A 211 -1.78 9.33 6.60
N SER A 212 -0.48 9.20 6.80
CA SER A 212 0.22 7.92 6.53
C SER A 212 0.71 7.26 7.84
N ILE A 213 0.49 5.95 7.95
CA ILE A 213 1.05 5.22 9.10
C ILE A 213 2.58 5.09 9.10
N TRP A 214 3.19 5.30 7.96
CA TRP A 214 4.66 5.19 7.80
C TRP A 214 5.35 6.54 8.08
N LEU A 215 4.64 7.64 7.86
CA LEU A 215 5.31 8.95 7.96
C LEU A 215 4.74 9.84 9.04
N ASP A 216 3.50 9.57 9.42
CA ASP A 216 2.67 10.50 10.25
C ASP A 216 1.97 9.76 11.40
N LEU A 217 2.55 8.66 11.90
CA LEU A 217 1.80 7.85 12.84
C LEU A 217 1.52 8.66 14.16
N GLU A 218 2.50 9.45 14.59
CA GLU A 218 2.27 10.30 15.81
C GLU A 218 1.15 11.32 15.57
N LEU A 219 1.07 11.89 14.37
CA LEU A 219 -0.03 12.80 14.07
C LEU A 219 -1.36 12.01 14.17
N ILE A 220 -1.40 10.82 13.56
CA ILE A 220 -2.62 9.98 13.58
C ILE A 220 -3.04 9.63 15.02
N GLU A 221 -2.04 9.33 15.87
CA GLU A 221 -2.27 9.08 17.32
C GLU A 221 -2.87 10.33 17.99
N LYS A 222 -2.26 11.48 17.74
CA LYS A 222 -2.76 12.72 18.38
C LYS A 222 -4.19 13.06 17.97
N MET A 223 -4.45 12.99 16.67
CA MET A 223 -5.77 13.29 16.09
C MET A 223 -6.82 12.34 16.63
N SER A 224 -6.49 11.07 16.62
CA SER A 224 -7.39 10.05 17.09
C SER A 224 -7.82 10.38 18.56
N ARG A 225 -6.82 10.70 19.40
CA ARG A 225 -7.07 11.08 20.83
C ARG A 225 -7.89 12.38 20.92
N PHE A 226 -7.52 13.44 20.22
CA PHE A 226 -8.30 14.68 20.41
C PHE A 226 -9.73 14.58 19.87
N ILE A 227 -9.93 13.78 18.82
CA ILE A 227 -11.26 13.71 18.21
C ILE A 227 -12.21 12.97 19.18
N ARG A 228 -11.71 11.88 19.78
CA ARG A 228 -12.41 11.28 20.95
C ARG A 228 -12.66 12.27 22.12
N GLU A 229 -11.61 12.98 22.49
CA GLU A 229 -11.70 14.06 23.51
C GLU A 229 -12.80 15.09 23.20
N THR A 230 -12.87 15.63 21.97
CA THR A 230 -13.90 16.65 21.68
C THR A 230 -15.33 16.13 21.83
N GLY A 231 -15.49 14.82 21.86
CA GLY A 231 -16.80 14.21 22.09
C GLY A 231 -17.30 13.22 21.02
N PHE A 232 -16.49 12.91 19.99
CA PHE A 232 -16.86 11.77 19.12
C PHE A 232 -16.81 10.49 19.95
N ALA A 233 -17.84 9.68 19.83
CA ALA A 233 -17.92 8.46 20.64
C ALA A 233 -16.92 7.42 20.11
N SER A 234 -16.66 7.39 18.81
CA SER A 234 -15.58 6.48 18.34
C SER A 234 -14.85 7.01 17.09
N VAL A 235 -13.62 6.52 16.92
CA VAL A 235 -12.78 6.92 15.82
C VAL A 235 -11.96 5.67 15.44
N GLN A 236 -12.03 5.29 14.17
CA GLN A 236 -11.27 4.17 13.63
C GLN A 236 -10.57 4.56 12.30
N TYR A 237 -9.32 4.14 12.15
CA TYR A 237 -8.50 4.44 10.97
C TYR A 237 -8.62 3.31 9.93
N ALA A 238 -9.00 3.69 8.69
CA ALA A 238 -9.08 2.73 7.57
C ALA A 238 -7.92 3.06 6.64
N LEU A 239 -7.21 2.00 6.29
CA LEU A 239 -5.97 2.08 5.52
C LEU A 239 -6.27 1.66 4.05
N MET A 240 -5.76 2.39 3.05
CA MET A 240 -6.02 2.04 1.63
C MET A 240 -4.75 2.15 0.76
N HIS A 241 -4.72 1.44 -0.39
CA HIS A 241 -3.57 1.44 -1.29
C HIS A 241 -3.69 2.51 -2.37
N VAL A 242 -2.77 3.50 -2.38
CA VAL A 242 -2.79 4.57 -3.37
C VAL A 242 -1.35 4.75 -3.77
N PRO A 243 -0.96 4.18 -4.94
CA PRO A 243 0.47 4.21 -5.38
C PRO A 243 1.10 5.58 -5.38
N THR A 244 0.33 6.61 -5.70
CA THR A 244 0.91 7.94 -5.97
C THR A 244 0.73 8.91 -4.78
N TYR A 245 0.38 8.37 -3.61
CA TYR A 245 0.55 9.15 -2.38
C TYR A 245 1.77 8.61 -1.65
N PRO A 246 2.39 9.42 -0.77
CA PRO A 246 3.72 9.05 -0.25
C PRO A 246 3.69 7.73 0.57
N CYS A 247 4.68 6.87 0.28
CA CYS A 247 4.77 5.52 0.78
C CYS A 247 3.72 4.59 0.17
N GLY A 248 2.85 5.10 -0.75
CA GLY A 248 1.91 4.23 -1.46
C GLY A 248 0.64 3.84 -0.66
N SER A 249 0.30 4.65 0.36
CA SER A 249 -0.96 4.46 1.08
C SER A 249 -1.41 5.74 1.75
N ILE A 250 -2.64 5.76 2.21
CA ILE A 250 -3.12 6.88 2.93
C ILE A 250 -4.26 6.26 3.78
N GLY A 251 -4.75 7.00 4.76
CA GLY A 251 -5.85 6.54 5.57
C GLY A 251 -6.90 7.62 5.75
N THR A 252 -7.99 7.20 6.35
CA THR A 252 -9.04 8.06 6.78
C THR A 252 -9.49 7.66 8.20
N LEU A 253 -9.66 8.68 9.10
CA LEU A 253 -10.23 8.47 10.38
C LEU A 253 -11.73 8.55 10.17
N VAL A 254 -12.43 7.47 10.54
CA VAL A 254 -13.87 7.36 10.39
C VAL A 254 -14.48 7.48 11.78
N CYS A 255 -15.26 8.55 11.98
CA CYS A 255 -15.64 9.01 13.35
C CYS A 255 -17.17 8.99 13.48
N SER A 256 -17.64 8.39 14.57
CA SER A 256 -19.06 8.40 14.89
C SER A 256 -19.39 9.36 16.07
N LYS A 257 -20.36 10.26 15.87
CA LYS A 257 -20.84 11.10 16.96
C LYS A 257 -21.61 10.23 17.95
N LYS A 258 -22.49 9.35 17.47
CA LYS A 258 -23.32 8.49 18.35
C LYS A 258 -22.50 7.31 18.89
N ALA A 259 -22.69 6.96 20.17
CA ALA A 259 -22.09 5.70 20.70
C ALA A 259 -22.76 4.49 20.07
N GLY A 260 -22.14 3.31 20.19
CA GLY A 260 -22.79 2.11 19.70
C GLY A 260 -22.69 1.84 18.22
N VAL A 261 -21.77 2.51 17.53
CA VAL A 261 -21.72 2.40 16.07
C VAL A 261 -20.38 1.75 15.73
N ASP A 262 -20.43 0.66 14.97
CA ASP A 262 -19.23 -0.03 14.56
C ASP A 262 -19.03 0.31 13.11
N VAL A 263 -18.23 1.39 12.87
CA VAL A 263 -17.93 1.79 11.46
C VAL A 263 -17.10 0.80 10.67
N THR A 264 -16.48 -0.18 11.36
CA THR A 264 -15.56 -1.06 10.67
C THR A 264 -16.28 -2.23 9.96
N LYS A 265 -17.56 -2.45 10.27
CA LYS A 265 -18.42 -3.43 9.55
C LYS A 265 -19.59 -2.60 8.90
N PRO A 266 -19.77 -2.71 7.54
CA PRO A 266 -20.74 -1.83 6.82
C PRO A 266 -22.13 -2.00 7.37
N LEU A 267 -22.79 -0.88 7.73
CA LEU A 267 -24.16 -0.84 8.20
C LEU A 267 -25.11 -1.06 7.02
N ARG A 268 -24.83 -0.43 5.91
CA ARG A 268 -25.65 -0.51 4.69
C ARG A 268 -24.74 -1.05 3.57
N PRO A 269 -24.62 -2.38 3.43
CA PRO A 269 -23.64 -2.87 2.50
C PRO A 269 -23.87 -2.35 1.06
N VAL A 270 -22.77 -1.96 0.41
CA VAL A 270 -22.83 -1.41 -0.94
C VAL A 270 -23.40 -2.46 -1.90
N GLU A 271 -23.19 -3.75 -1.61
CA GLU A 271 -23.68 -4.79 -2.50
C GLU A 271 -25.16 -4.77 -2.65
N ASP A 272 -25.91 -4.23 -1.71
CA ASP A 272 -27.35 -4.11 -1.93
C ASP A 272 -27.76 -2.87 -2.71
N MET A 273 -26.83 -2.04 -3.19
CA MET A 273 -27.22 -0.82 -3.86
C MET A 273 -26.92 -1.01 -5.33
N PRO A 274 -27.60 -0.27 -6.22
CA PRO A 274 -27.52 -0.55 -7.66
C PRO A 274 -26.15 -0.21 -8.29
N PHE A 275 -25.33 0.63 -7.67
CA PHE A 275 -24.06 1.02 -8.29
C PHE A 275 -22.79 0.18 -7.88
N ALA A 276 -22.95 -0.79 -6.99
CA ALA A 276 -21.83 -1.54 -6.41
C ALA A 276 -20.85 -2.04 -7.51
N LYS A 277 -21.44 -2.54 -8.59
CA LYS A 277 -20.66 -3.17 -9.65
C LYS A 277 -19.84 -2.16 -10.44
N ASP A 278 -20.24 -0.90 -10.37
CA ASP A 278 -19.50 0.18 -11.02
C ASP A 278 -18.19 0.57 -10.32
N LEU A 279 -18.02 0.15 -9.07
CA LEU A 279 -16.81 0.56 -8.34
C LEU A 279 -15.59 -0.21 -8.72
N LYS A 280 -14.42 0.41 -8.68
CA LYS A 280 -13.21 -0.26 -9.07
C LYS A 280 -12.31 -0.71 -7.88
N TYR A 281 -12.49 -0.16 -6.70
CA TYR A 281 -11.72 -0.63 -5.52
C TYR A 281 -12.64 -1.17 -4.41
N TYR A 282 -13.53 -0.30 -3.91
CA TYR A 282 -14.30 -0.57 -2.71
C TYR A 282 -15.41 -1.61 -2.86
N ASP A 283 -15.52 -2.44 -1.83
CA ASP A 283 -16.68 -3.32 -1.59
C ASP A 283 -16.68 -3.66 -0.09
N SER A 284 -17.62 -4.49 0.41
CA SER A 284 -17.71 -4.71 1.84
C SER A 284 -16.51 -5.42 2.35
N GLU A 285 -16.00 -6.36 1.57
CA GLU A 285 -14.79 -7.11 1.96
C GLU A 285 -13.60 -6.15 2.12
N MET A 286 -13.46 -5.20 1.18
CA MET A 286 -12.37 -4.19 1.28
C MET A 286 -12.61 -3.25 2.47
N HIS A 287 -13.87 -2.90 2.70
CA HIS A 287 -14.22 -2.03 3.87
C HIS A 287 -13.75 -2.68 5.18
N LYS A 288 -14.11 -3.93 5.36
CA LYS A 288 -13.73 -4.60 6.62
C LYS A 288 -12.22 -4.74 6.72
N ALA A 289 -11.60 -5.09 5.60
CA ALA A 289 -10.13 -5.29 5.55
C ALA A 289 -9.33 -4.00 5.84
N SER A 290 -9.91 -2.84 5.47
CA SER A 290 -9.23 -1.55 5.55
C SER A 290 -8.92 -1.22 7.01
N PHE A 291 -9.72 -1.79 7.93
CA PHE A 291 -9.52 -1.46 9.40
C PHE A 291 -8.56 -2.40 10.11
N ALA A 292 -8.10 -3.45 9.45
CA ALA A 292 -7.02 -4.27 9.99
C ALA A 292 -5.69 -3.57 9.73
N LEU A 293 -4.97 -3.27 10.82
CA LEU A 293 -3.77 -2.43 10.73
C LEU A 293 -2.57 -3.28 11.05
N PRO A 294 -1.43 -3.04 10.40
CA PRO A 294 -0.20 -3.74 10.75
C PRO A 294 0.00 -3.62 12.29
N ARG A 295 0.61 -4.63 12.94
CA ARG A 295 0.83 -4.51 14.39
C ARG A 295 1.40 -3.20 14.87
N PHE A 296 2.44 -2.66 14.20
CA PHE A 296 3.09 -1.47 14.72
C PHE A 296 2.11 -0.26 14.78
N ALA A 297 1.05 -0.28 13.99
CA ALA A 297 0.09 0.82 13.97
C ALA A 297 -1.24 0.50 14.68
N ARG A 298 -1.43 -0.74 15.08
CA ARG A 298 -2.76 -1.16 15.48
C ARG A 298 -3.35 -0.47 16.75
N HIS A 299 -2.48 -0.01 17.65
CA HIS A 299 -2.87 0.77 18.81
C HIS A 299 -3.76 1.95 18.40
N ILE A 300 -3.68 2.43 17.15
CA ILE A 300 -4.61 3.52 16.71
C ILE A 300 -6.07 3.09 16.86
N ASN A 301 -6.36 1.86 16.46
CA ASN A 301 -7.73 1.36 16.45
C ASN A 301 -8.08 0.59 17.68
N ASN A 302 -7.12 0.18 18.48
CA ASN A 302 -7.47 -0.71 19.60
C ASN A 302 -7.29 -0.03 20.96
N MET B 9 19.53 -3.40 -18.29
CA MET B 9 20.06 -3.76 -16.92
C MET B 9 20.72 -2.57 -16.22
N PRO B 10 20.01 -1.90 -15.29
CA PRO B 10 20.53 -0.75 -14.57
C PRO B 10 21.67 -1.10 -13.60
N GLY B 11 22.59 -0.16 -13.41
CA GLY B 11 23.71 -0.32 -12.45
C GLY B 11 23.98 0.96 -11.69
N SER B 12 25.27 1.34 -11.63
CA SER B 12 25.77 2.48 -10.84
C SER B 12 25.16 3.83 -11.17
N GLU B 13 24.74 3.98 -12.41
CA GLU B 13 24.28 5.26 -12.93
C GLU B 13 22.92 5.67 -12.33
N LEU B 14 22.26 4.79 -11.58
CA LEU B 14 21.03 5.19 -10.88
C LEU B 14 21.30 6.13 -9.70
N ILE B 15 22.55 6.27 -9.30
CA ILE B 15 22.89 7.18 -8.18
C ILE B 15 23.53 8.37 -8.80
N SER B 16 22.91 9.53 -8.58
CA SER B 16 23.25 10.70 -9.31
C SER B 16 22.75 11.92 -8.56
N GLY B 17 23.63 12.90 -8.37
CA GLY B 17 23.22 14.14 -7.73
C GLY B 17 22.58 13.90 -6.37
N GLY B 18 23.14 12.97 -5.62
CA GLY B 18 22.79 12.76 -4.23
C GLY B 18 21.53 11.91 -3.98
N TRP B 19 20.95 11.33 -5.04
CA TRP B 19 19.73 10.53 -4.92
C TRP B 19 19.90 9.19 -5.67
N PHE B 20 19.29 8.15 -5.15
CA PHE B 20 19.10 6.95 -5.91
C PHE B 20 17.73 6.98 -6.59
N ARG B 21 17.66 6.69 -7.89
CA ARG B 21 16.39 6.77 -8.54
C ARG B 21 16.09 5.43 -9.19
N GLU B 22 14.97 4.82 -8.84
CA GLU B 22 14.72 3.46 -9.23
C GLU B 22 14.05 3.42 -10.62
N GLU B 23 14.76 3.86 -11.65
CA GLU B 23 14.22 3.92 -13.00
C GLU B 23 14.42 2.54 -13.62
N ASN B 24 13.38 2.00 -14.24
CA ASN B 24 13.44 0.61 -14.73
C ASN B 24 12.43 0.43 -15.87
N ASP B 25 12.75 -0.34 -16.93
CA ASP B 25 11.68 -0.43 -17.97
C ASP B 25 10.61 -1.46 -17.59
N GLN B 26 10.76 -2.08 -16.41
CA GLN B 26 9.72 -2.94 -15.87
C GLN B 26 8.63 -2.07 -15.24
N TRP B 27 8.88 -0.78 -15.02
CA TRP B 27 7.79 0.14 -14.59
C TRP B 27 8.03 1.49 -15.24
N PRO B 28 7.78 1.56 -16.55
CA PRO B 28 8.14 2.75 -17.32
C PRO B 28 7.43 3.99 -16.79
N GLY B 29 8.18 5.09 -16.75
CA GLY B 29 7.61 6.41 -16.49
C GLY B 29 7.55 6.84 -15.04
N GLN B 30 7.95 5.96 -14.10
CA GLN B 30 7.91 6.29 -12.66
C GLN B 30 9.23 5.83 -12.03
N ALA B 31 9.58 6.38 -10.89
CA ALA B 31 10.72 5.87 -10.17
C ALA B 31 10.58 6.35 -8.75
N MET B 32 10.74 5.44 -7.83
CA MET B 32 10.88 5.84 -6.45
C MET B 32 12.32 6.39 -6.27
N SER B 33 12.50 7.47 -5.51
CA SER B 33 13.84 8.10 -5.33
C SER B 33 14.08 8.22 -3.83
N LEU B 34 15.29 7.90 -3.43
CA LEU B 34 15.75 8.02 -2.05
C LEU B 34 17.07 8.80 -2.05
N ARG B 35 17.20 9.75 -1.13
CA ARG B 35 18.42 10.56 -1.12
C ARG B 35 19.54 9.66 -0.54
N VAL B 36 20.73 9.77 -1.09
CA VAL B 36 21.86 8.94 -0.66
C VAL B 36 22.78 9.74 0.28
N GLU B 37 22.92 9.25 1.52
CA GLU B 37 23.89 9.84 2.38
C GLU B 37 25.32 9.35 2.01
N LYS B 38 25.50 8.05 1.77
CA LYS B 38 26.83 7.46 1.66
C LYS B 38 26.62 6.17 0.87
N VAL B 39 27.40 5.88 -0.17
CA VAL B 39 27.30 4.55 -0.83
C VAL B 39 28.21 3.63 -0.03
N LEU B 40 27.70 2.49 0.47
CA LEU B 40 28.56 1.56 1.21
C LEU B 40 29.29 0.51 0.30
N TYR B 41 28.66 0.17 -0.81
CA TYR B 41 29.14 -0.91 -1.69
C TYR B 41 28.39 -0.82 -3.00
N ASP B 42 29.11 -0.89 -4.10
CA ASP B 42 28.46 -0.89 -5.37
C ASP B 42 29.34 -1.66 -6.35
N ALA B 43 28.86 -2.79 -6.86
CA ALA B 43 29.70 -3.66 -7.72
C ALA B 43 28.89 -4.66 -8.46
N PRO B 44 29.35 -5.03 -9.66
CA PRO B 44 28.84 -6.24 -10.30
C PRO B 44 29.32 -7.47 -9.54
N THR B 45 28.38 -8.37 -9.35
CA THR B 45 28.53 -9.64 -8.65
C THR B 45 28.74 -10.64 -9.80
N LYS B 46 28.81 -11.94 -9.56
CA LYS B 46 28.88 -12.82 -10.75
C LYS B 46 27.57 -12.82 -11.56
N PHE B 47 26.49 -12.31 -10.97
CA PHE B 47 25.16 -12.43 -11.56
C PHE B 47 24.41 -11.11 -11.71
N GLN B 48 24.62 -10.13 -10.85
CA GLN B 48 23.68 -8.99 -10.82
C GLN B 48 24.47 -7.76 -10.40
N HIS B 49 23.93 -6.57 -10.62
CA HIS B 49 24.56 -5.40 -10.09
C HIS B 49 24.04 -5.16 -8.63
N LEU B 50 24.93 -5.11 -7.63
CA LEU B 50 24.51 -4.94 -6.23
C LEU B 50 24.98 -3.61 -5.66
N THR B 51 24.02 -2.81 -5.18
CA THR B 51 24.31 -1.48 -4.60
C THR B 51 23.72 -1.38 -3.20
N ILE B 52 24.54 -0.93 -2.22
CA ILE B 52 24.10 -0.73 -0.84
C ILE B 52 24.48 0.66 -0.37
N PHE B 53 23.49 1.42 0.07
CA PHE B 53 23.78 2.81 0.49
C PHE B 53 23.08 3.12 1.77
N GLU B 54 23.58 4.11 2.48
CA GLU B 54 22.91 4.62 3.62
C GLU B 54 22.04 5.76 3.09
N SER B 55 20.75 5.73 3.38
CA SER B 55 19.89 6.83 2.93
C SER B 55 19.96 8.02 3.94
N ASP B 56 19.22 9.08 3.64
CA ASP B 56 19.32 10.32 4.40
C ASP B 56 18.96 10.11 5.87
N PRO B 57 19.91 10.37 6.77
CA PRO B 57 19.52 10.20 8.21
C PRO B 57 18.30 11.02 8.64
N LYS B 58 17.86 11.99 7.83
CA LYS B 58 16.72 12.80 8.23
C LYS B 58 15.46 12.04 7.93
N GLY B 59 15.53 11.03 7.03
CA GLY B 59 14.39 10.15 6.79
C GLY B 59 14.51 8.83 7.56
N PRO B 60 13.47 7.97 7.46
CA PRO B 60 13.46 6.77 8.31
C PRO B 60 14.09 5.51 7.65
N TRP B 61 14.50 5.57 6.37
CA TRP B 61 14.74 4.34 5.60
C TRP B 61 15.98 3.59 6.03
N GLY B 62 16.99 4.27 6.58
CA GLY B 62 18.21 3.56 7.03
C GLY B 62 19.00 3.04 5.81
N THR B 63 19.62 1.85 5.95
CA THR B 63 20.38 1.23 4.84
C THR B 63 19.44 0.66 3.79
N VAL B 64 19.86 0.69 2.54
CA VAL B 64 19.03 0.29 1.40
C VAL B 64 19.85 -0.64 0.54
N MET B 65 19.25 -1.74 0.08
CA MET B 65 19.93 -2.59 -0.91
C MET B 65 19.19 -2.66 -2.26
N ALA B 66 19.90 -2.58 -3.38
CA ALA B 66 19.24 -2.75 -4.69
C ALA B 66 19.98 -3.83 -5.49
N LEU B 67 19.25 -4.61 -6.27
CA LEU B 67 19.84 -5.64 -7.21
C LEU B 67 19.39 -5.33 -8.63
N ASP B 68 20.32 -5.13 -9.59
CA ASP B 68 19.95 -4.70 -10.95
C ASP B 68 19.07 -3.47 -10.92
N GLY B 69 19.35 -2.56 -9.97
CA GLY B 69 18.62 -1.30 -9.87
C GLY B 69 17.29 -1.36 -9.15
N CYS B 70 16.87 -2.56 -8.68
CA CYS B 70 15.58 -2.73 -7.98
C CYS B 70 15.78 -2.81 -6.47
N ILE B 71 15.13 -1.91 -5.73
CA ILE B 71 15.16 -1.91 -4.30
C ILE B 71 14.70 -3.30 -3.74
N GLN B 72 15.60 -3.91 -2.95
CA GLN B 72 15.38 -5.23 -2.31
C GLN B 72 14.92 -5.15 -0.89
N VAL B 73 15.60 -4.34 -0.09
CA VAL B 73 15.36 -4.23 1.34
C VAL B 73 15.73 -2.85 1.81
N THR B 74 15.00 -2.36 2.82
CA THR B 74 15.46 -1.20 3.58
C THR B 74 15.33 -1.52 5.06
N ASP B 75 16.12 -0.86 5.90
CA ASP B 75 16.04 -1.16 7.35
C ASP B 75 14.65 -0.92 7.87
N TYR B 76 14.01 0.13 7.37
CA TYR B 76 12.72 0.53 7.96
C TYR B 76 11.47 -0.37 7.73
N ASP B 77 11.28 -0.87 6.50
CA ASP B 77 10.11 -1.61 6.20
C ASP B 77 10.35 -3.13 5.90
N GLU B 78 11.56 -3.63 6.08
CA GLU B 78 11.84 -5.03 5.61
C GLU B 78 10.96 -6.05 6.35
N PHE B 79 10.58 -5.70 7.57
CA PHE B 79 9.77 -6.62 8.38
C PHE B 79 8.45 -7.07 7.70
N VAL B 80 7.85 -6.23 6.83
CA VAL B 80 6.55 -6.55 6.27
C VAL B 80 6.64 -7.81 5.39
N TYR B 81 7.41 -7.67 4.32
CA TYR B 81 7.45 -8.78 3.36
C TYR B 81 8.03 -10.07 4.02
N HIS B 82 9.03 -9.92 4.88
CA HIS B 82 9.59 -11.10 5.51
C HIS B 82 8.59 -11.85 6.37
N GLU B 83 7.89 -11.09 7.19
CA GLU B 83 6.84 -11.66 8.07
C GLU B 83 5.70 -12.23 7.24
N VAL B 84 5.22 -11.46 6.28
CA VAL B 84 4.08 -11.99 5.50
C VAL B 84 4.42 -13.31 4.82
N LEU B 85 5.53 -13.36 4.11
CA LEU B 85 5.92 -14.64 3.46
C LEU B 85 6.16 -15.77 4.50
N GLY B 86 6.88 -15.45 5.59
CA GLY B 86 7.27 -16.47 6.54
C GLY B 86 6.05 -17.04 7.23
N HIS B 87 5.15 -16.19 7.67
CA HIS B 87 4.16 -16.66 8.65
C HIS B 87 2.87 -17.04 7.89
N THR B 88 2.55 -16.30 6.81
CA THR B 88 1.33 -16.68 6.06
C THR B 88 1.47 -18.15 5.50
N SER B 89 2.66 -18.51 5.01
CA SER B 89 2.87 -19.89 4.52
C SER B 89 2.90 -20.91 5.72
N LEU B 90 3.72 -20.62 6.74
CA LEU B 90 3.88 -21.59 7.83
C LEU B 90 2.62 -21.73 8.71
N CYS B 91 1.85 -20.66 8.86
CA CYS B 91 0.60 -20.71 9.61
C CYS B 91 -0.54 -21.36 8.81
N SER B 92 -0.26 -21.61 7.54
CA SER B 92 -1.19 -22.39 6.68
C SER B 92 -0.99 -23.92 6.65
N HIS B 93 0.11 -24.34 7.27
CA HIS B 93 0.59 -25.73 7.20
C HIS B 93 0.38 -26.45 8.55
N PRO B 94 -0.06 -27.74 8.50
CA PRO B 94 -0.41 -28.36 9.80
C PRO B 94 0.77 -28.61 10.74
N LYS B 95 1.99 -28.75 10.19
CA LYS B 95 3.18 -29.07 11.01
C LYS B 95 4.43 -28.87 10.17
N PRO B 96 4.83 -27.61 9.95
CA PRO B 96 5.90 -27.46 8.96
C PRO B 96 7.26 -27.79 9.56
N GLU B 97 7.87 -28.89 9.17
CA GLU B 97 9.10 -29.33 9.81
C GLU B 97 10.31 -29.09 8.93
N ARG B 98 10.15 -29.13 7.61
CA ARG B 98 11.29 -28.95 6.67
C ARG B 98 10.91 -27.93 5.62
N VAL B 99 11.71 -26.89 5.50
CA VAL B 99 11.30 -25.76 4.70
C VAL B 99 12.41 -25.45 3.73
N LEU B 100 12.02 -25.05 2.53
CA LEU B 100 13.01 -24.62 1.55
C LEU B 100 12.78 -23.16 1.21
N ILE B 101 13.82 -22.35 1.21
CA ILE B 101 13.72 -20.99 0.67
C ILE B 101 14.56 -20.92 -0.58
N ILE B 102 13.96 -20.46 -1.69
CA ILE B 102 14.70 -20.23 -2.93
C ILE B 102 14.88 -18.73 -3.01
N GLY B 103 16.12 -18.27 -3.20
CA GLY B 103 16.42 -16.82 -3.17
C GLY B 103 16.53 -16.43 -1.71
N GLY B 104 16.01 -15.27 -1.29
CA GLY B 104 16.12 -14.94 0.17
C GLY B 104 17.53 -14.86 0.75
N GLY B 105 18.54 -14.55 -0.08
CA GLY B 105 19.93 -14.52 0.42
C GLY B 105 20.19 -13.46 1.51
N ASP B 106 19.31 -12.48 1.67
CA ASP B 106 19.47 -11.49 2.72
C ASP B 106 19.20 -12.11 4.11
N GLY B 107 18.45 -13.22 4.15
CA GLY B 107 18.16 -13.93 5.44
C GLY B 107 16.79 -13.58 6.07
N GLY B 108 16.08 -12.62 5.48
CA GLY B 108 14.85 -12.06 6.10
C GLY B 108 13.70 -13.06 6.30
N VAL B 109 13.28 -13.75 5.23
CA VAL B 109 12.26 -14.83 5.35
C VAL B 109 12.77 -15.95 6.30
N LEU B 110 14.04 -16.30 6.18
CA LEU B 110 14.64 -17.35 7.06
C LEU B 110 14.50 -17.00 8.56
N ARG B 111 14.83 -15.74 8.89
CA ARG B 111 14.63 -15.23 10.26
C ARG B 111 13.20 -15.50 10.75
N GLU B 112 12.22 -15.29 9.88
CA GLU B 112 10.81 -15.42 10.29
C GLU B 112 10.39 -16.92 10.36
N VAL B 113 10.79 -17.72 9.36
CA VAL B 113 10.63 -19.18 9.38
C VAL B 113 11.16 -19.82 10.72
N LEU B 114 12.34 -19.42 11.13
CA LEU B 114 12.97 -20.03 12.34
C LEU B 114 12.36 -19.60 13.66
N ARG B 115 11.40 -18.66 13.63
CA ARG B 115 10.71 -18.37 14.90
C ARG B 115 9.78 -19.53 15.21
N HIS B 116 9.38 -20.30 14.19
CA HIS B 116 8.48 -21.43 14.36
C HIS B 116 9.16 -22.66 15.04
N GLY B 117 8.53 -23.16 16.12
CA GLY B 117 9.06 -24.25 16.92
C GLY B 117 8.94 -25.57 16.21
N THR B 118 8.09 -25.66 15.20
CA THR B 118 7.91 -26.92 14.50
C THR B 118 9.03 -27.16 13.49
N VAL B 119 9.70 -26.09 13.06
CA VAL B 119 10.66 -26.21 12.01
C VAL B 119 11.94 -26.94 12.53
N GLU B 120 12.25 -28.08 11.90
CA GLU B 120 13.48 -28.79 12.25
C GLU B 120 14.63 -28.38 11.36
N HIS B 121 14.33 -28.02 10.14
CA HIS B 121 15.40 -27.60 9.26
C HIS B 121 14.89 -26.71 8.13
N CYS B 122 15.71 -25.74 7.72
CA CYS B 122 15.39 -24.87 6.61
C CYS B 122 16.59 -24.80 5.68
N ASP B 123 16.43 -25.26 4.42
CA ASP B 123 17.44 -25.06 3.39
C ASP B 123 17.13 -23.74 2.70
N LEU B 124 18.19 -23.00 2.33
CA LEU B 124 18.05 -21.71 1.66
C LEU B 124 19.02 -21.78 0.51
N VAL B 125 18.58 -21.47 -0.71
CA VAL B 125 19.44 -21.57 -1.88
C VAL B 125 19.28 -20.30 -2.69
N ASP B 126 20.36 -19.49 -2.79
CA ASP B 126 20.34 -18.22 -3.55
C ASP B 126 21.48 -18.31 -4.54
N ILE B 127 21.24 -17.86 -5.75
CA ILE B 127 22.18 -18.00 -6.86
C ILE B 127 23.35 -17.07 -6.57
N ASP B 128 23.12 -16.00 -5.80
CA ASP B 128 24.16 -14.98 -5.67
C ASP B 128 24.81 -14.87 -4.23
N GLY B 129 25.93 -15.58 -4.02
CA GLY B 129 26.66 -15.59 -2.72
C GLY B 129 27.05 -14.22 -2.17
N GLU B 130 27.19 -13.24 -3.07
CA GLU B 130 27.50 -11.89 -2.63
C GLU B 130 26.35 -11.23 -1.87
N VAL B 131 25.11 -11.56 -2.24
CA VAL B 131 23.92 -11.04 -1.47
C VAL B 131 24.05 -11.52 0.01
N MET B 132 24.38 -12.80 0.22
CA MET B 132 24.53 -13.31 1.61
C MET B 132 25.64 -12.56 2.32
N GLU B 133 26.76 -12.35 1.63
CA GLU B 133 27.98 -11.74 2.24
C GLU B 133 27.70 -10.28 2.58
N GLN B 134 27.15 -9.53 1.63
CA GLN B 134 26.82 -8.11 1.94
C GLN B 134 25.67 -7.95 2.91
N SER B 135 24.73 -8.90 2.90
CA SER B 135 23.73 -8.82 3.90
C SER B 135 24.32 -9.04 5.33
N LYS B 136 25.24 -9.97 5.45
CA LYS B 136 25.97 -10.15 6.72
C LYS B 136 26.70 -8.86 7.20
N GLN B 137 27.38 -8.22 6.28
CA GLN B 137 28.09 -6.97 6.59
C GLN B 137 27.18 -5.76 6.92
N HIS B 138 26.10 -5.58 6.17
CA HIS B 138 25.37 -4.30 6.24
C HIS B 138 23.93 -4.34 6.74
N PHE B 139 23.40 -5.56 6.90
CA PHE B 139 22.04 -5.76 7.45
C PHE B 139 22.06 -6.86 8.46
N PRO B 140 22.86 -6.68 9.56
CA PRO B 140 22.97 -7.72 10.58
C PRO B 140 21.63 -8.15 11.20
N GLN B 141 20.65 -7.27 11.27
CA GLN B 141 19.38 -7.64 11.85
C GLN B 141 18.52 -8.53 10.87
N ILE B 142 18.87 -8.52 9.59
CA ILE B 142 18.15 -9.32 8.59
C ILE B 142 18.84 -10.64 8.45
N SER B 143 20.18 -10.63 8.45
CA SER B 143 20.98 -11.78 8.06
C SER B 143 21.50 -12.64 9.23
N ARG B 144 21.19 -12.26 10.44
CA ARG B 144 21.72 -13.07 11.55
C ARG B 144 21.13 -14.51 11.54
N SER B 145 19.94 -14.70 10.93
CA SER B 145 19.33 -16.04 10.62
C SER B 145 20.27 -17.00 9.91
N LEU B 146 21.18 -16.44 9.10
CA LEU B 146 21.93 -17.29 8.17
C LEU B 146 22.84 -18.17 9.00
N ALA B 147 23.16 -17.74 10.21
CA ALA B 147 24.08 -18.52 11.04
C ALA B 147 23.33 -19.55 11.94
N ASP B 148 22.01 -19.70 11.80
CA ASP B 148 21.21 -20.55 12.71
C ASP B 148 21.55 -22.03 12.60
N PRO B 149 21.63 -22.73 13.74
CA PRO B 149 21.92 -24.18 13.67
C PRO B 149 20.92 -25.00 12.80
N ARG B 150 19.68 -24.52 12.67
CA ARG B 150 18.66 -25.15 11.84
C ARG B 150 18.66 -24.77 10.36
N ALA B 151 19.62 -23.96 9.92
CA ALA B 151 19.67 -23.53 8.54
C ALA B 151 20.82 -24.19 7.79
N THR B 152 20.60 -24.48 6.49
CA THR B 152 21.71 -24.74 5.53
C THR B 152 21.62 -23.59 4.51
N VAL B 153 22.75 -23.01 4.13
CA VAL B 153 22.78 -21.83 3.26
C VAL B 153 23.66 -22.21 2.07
N ARG B 154 23.06 -22.32 0.90
CA ARG B 154 23.76 -22.80 -0.32
C ARG B 154 23.68 -21.72 -1.37
N VAL B 155 24.78 -21.61 -2.13
CA VAL B 155 24.86 -20.76 -3.30
C VAL B 155 24.57 -21.69 -4.50
N GLY B 156 23.52 -21.39 -5.25
CA GLY B 156 23.24 -22.14 -6.47
C GLY B 156 21.96 -21.61 -7.12
N ASP B 157 21.74 -22.02 -8.38
CA ASP B 157 20.50 -21.69 -9.10
C ASP B 157 19.31 -22.48 -8.54
N GLY B 158 18.27 -21.76 -8.14
CA GLY B 158 17.08 -22.44 -7.58
C GLY B 158 16.36 -23.44 -8.51
N LEU B 159 16.37 -23.17 -9.81
CA LEU B 159 15.73 -24.10 -10.76
C LEU B 159 16.48 -25.45 -10.73
N ALA B 160 17.83 -25.40 -10.76
CA ALA B 160 18.66 -26.63 -10.75
C ALA B 160 18.47 -27.31 -9.43
N PHE B 161 18.47 -26.52 -8.34
CA PHE B 161 18.21 -27.11 -6.99
C PHE B 161 16.93 -27.96 -6.86
N VAL B 162 15.79 -27.40 -7.27
CA VAL B 162 14.55 -28.12 -7.15
C VAL B 162 14.56 -29.31 -8.10
N ARG B 163 15.14 -29.15 -9.29
CA ARG B 163 15.22 -30.30 -10.21
C ARG B 163 16.10 -31.43 -9.63
N GLN B 164 17.09 -31.10 -8.82
CA GLN B 164 17.92 -32.13 -8.19
C GLN B 164 17.33 -32.72 -6.91
N THR B 165 16.21 -32.19 -6.44
CA THR B 165 15.62 -32.64 -5.16
C THR B 165 14.61 -33.75 -5.35
N PRO B 166 14.63 -34.82 -4.50
CA PRO B 166 13.60 -35.90 -4.51
C PRO B 166 12.13 -35.45 -4.33
N ASP B 167 11.20 -36.21 -4.90
CA ASP B 167 9.79 -36.07 -4.63
C ASP B 167 9.58 -35.99 -3.12
N ASN B 168 8.61 -35.19 -2.68
CA ASN B 168 8.14 -35.33 -1.29
C ASN B 168 9.19 -35.01 -0.22
N THR B 169 9.99 -34.00 -0.47
CA THR B 169 11.04 -33.61 0.44
C THR B 169 10.58 -32.52 1.43
N TYR B 170 9.83 -31.53 0.95
CA TYR B 170 9.54 -30.35 1.80
C TYR B 170 8.09 -30.20 2.15
N ASP B 171 7.84 -29.61 3.33
CA ASP B 171 6.53 -29.20 3.79
C ASP B 171 6.17 -27.82 3.25
N VAL B 172 7.16 -26.91 3.16
CA VAL B 172 6.87 -25.56 2.70
C VAL B 172 8.01 -25.14 1.75
N VAL B 173 7.68 -24.54 0.63
CA VAL B 173 8.66 -23.97 -0.27
C VAL B 173 8.31 -22.47 -0.40
N ILE B 174 9.32 -21.62 -0.21
CA ILE B 174 9.09 -20.18 -0.27
C ILE B 174 10.03 -19.64 -1.35
N ILE B 175 9.46 -18.96 -2.35
CA ILE B 175 10.20 -18.52 -3.52
C ILE B 175 10.35 -17.00 -3.38
N ASP B 176 11.46 -16.54 -2.78
CA ASP B 176 11.72 -15.12 -2.47
C ASP B 176 12.76 -14.61 -3.43
N THR B 177 12.29 -14.13 -4.59
CA THR B 177 13.12 -13.87 -5.72
C THR B 177 13.04 -12.38 -6.09
N THR B 178 14.03 -11.98 -6.85
CA THR B 178 14.02 -10.70 -7.61
C THR B 178 12.89 -10.76 -8.66
N ASP B 179 12.71 -9.64 -9.37
CA ASP B 179 11.81 -9.51 -10.48
C ASP B 179 12.19 -10.45 -11.67
N PRO B 180 11.24 -10.65 -12.63
CA PRO B 180 11.54 -11.63 -13.70
C PRO B 180 12.71 -11.27 -14.60
N ALA B 181 13.13 -10.00 -14.68
CA ALA B 181 14.26 -9.67 -15.59
C ALA B 181 15.54 -9.89 -14.82
N GLY B 182 16.36 -10.83 -15.26
CA GLY B 182 17.62 -11.13 -14.59
C GLY B 182 17.58 -12.63 -14.25
N PRO B 183 18.35 -13.06 -13.26
CA PRO B 183 18.53 -14.51 -13.14
C PRO B 183 17.28 -15.25 -12.54
N ALA B 184 16.30 -14.50 -12.04
CA ALA B 184 15.03 -15.08 -11.54
C ALA B 184 14.08 -15.46 -12.70
N SER B 185 14.44 -15.10 -13.94
CA SER B 185 13.53 -15.25 -15.10
C SER B 185 12.71 -16.59 -15.09
N LYS B 186 13.40 -17.73 -15.08
CA LYS B 186 12.71 -19.04 -15.19
C LYS B 186 11.90 -19.43 -13.95
N LEU B 187 12.14 -18.75 -12.81
CA LEU B 187 11.46 -19.00 -11.55
C LEU B 187 10.02 -18.50 -11.58
N PHE B 188 9.65 -17.80 -12.65
CA PHE B 188 8.28 -17.32 -12.87
C PHE B 188 7.58 -18.17 -13.91
N GLY B 189 8.18 -19.30 -14.26
CA GLY B 189 7.65 -20.17 -15.32
C GLY B 189 6.93 -21.41 -14.84
N GLU B 190 6.13 -21.96 -15.76
CA GLU B 190 5.27 -23.06 -15.42
C GLU B 190 6.09 -24.35 -15.11
N ALA B 191 7.23 -24.52 -15.78
CA ALA B 191 8.01 -25.75 -15.60
C ALA B 191 8.64 -25.81 -14.19
N PHE B 192 9.05 -24.67 -13.70
CA PHE B 192 9.51 -24.56 -12.32
C PHE B 192 8.44 -24.92 -11.29
N TYR B 193 7.25 -24.34 -11.44
CA TYR B 193 6.17 -24.64 -10.50
C TYR B 193 5.78 -26.08 -10.44
N LYS B 194 5.79 -26.73 -11.61
CA LYS B 194 5.59 -28.17 -11.70
C LYS B 194 6.60 -28.96 -10.84
N ASP B 195 7.88 -28.58 -10.89
CA ASP B 195 8.89 -29.18 -10.05
C ASP B 195 8.71 -28.81 -8.57
N VAL B 196 8.25 -27.59 -8.30
CA VAL B 196 7.96 -27.24 -6.93
C VAL B 196 6.85 -28.17 -6.41
N LEU B 197 5.84 -28.43 -7.23
CA LEU B 197 4.74 -29.25 -6.77
C LEU B 197 5.27 -30.67 -6.43
N ARG B 198 6.14 -31.16 -7.29
CA ARG B 198 6.70 -32.50 -7.12
C ARG B 198 7.55 -32.62 -5.82
N ILE B 199 8.36 -31.63 -5.48
CA ILE B 199 9.18 -31.75 -4.22
C ILE B 199 8.46 -31.51 -2.91
N LEU B 200 7.26 -30.97 -2.99
CA LEU B 200 6.40 -30.84 -1.83
C LEU B 200 5.82 -32.16 -1.39
N LYS B 201 5.74 -32.34 -0.09
CA LYS B 201 4.99 -33.48 0.47
C LYS B 201 3.47 -33.24 0.28
N PRO B 202 2.64 -34.29 0.53
CA PRO B 202 1.20 -34.14 0.27
C PRO B 202 0.49 -32.91 0.87
N ASP B 203 0.85 -32.49 2.09
CA ASP B 203 0.20 -31.31 2.67
C ASP B 203 0.96 -30.06 2.37
N GLY B 204 1.79 -30.09 1.31
CA GLY B 204 2.71 -28.97 0.97
C GLY B 204 2.06 -27.62 0.75
N ILE B 205 2.76 -26.57 1.19
CA ILE B 205 2.39 -25.17 0.93
C ILE B 205 3.55 -24.49 0.21
N CYS B 206 3.22 -23.64 -0.76
CA CYS B 206 4.24 -22.89 -1.52
C CYS B 206 3.76 -21.45 -1.51
N CYS B 207 4.67 -20.49 -1.35
CA CYS B 207 4.33 -19.09 -1.64
C CYS B 207 5.47 -18.44 -2.37
N ASN B 208 5.21 -17.31 -3.02
CA ASN B 208 6.24 -16.70 -3.82
C ASN B 208 6.36 -15.17 -3.66
N GLN B 209 7.26 -14.56 -4.43
CA GLN B 209 7.26 -13.13 -4.66
C GLN B 209 6.31 -12.90 -5.88
N GLY B 210 5.08 -12.47 -5.60
CA GLY B 210 4.02 -12.57 -6.58
C GLY B 210 3.70 -11.29 -7.34
N GLU B 211 4.55 -10.28 -7.19
CA GLU B 211 4.49 -9.03 -8.00
C GLU B 211 3.26 -8.12 -7.67
N SER B 212 3.02 -7.12 -8.51
CA SER B 212 2.18 -6.00 -8.14
C SER B 212 0.84 -6.04 -8.91
N ILE B 213 -0.24 -5.84 -8.18
CA ILE B 213 -1.58 -5.66 -8.85
C ILE B 213 -1.70 -4.39 -9.70
N TRP B 214 -0.84 -3.42 -9.49
CA TRP B 214 -0.91 -2.17 -10.28
C TRP B 214 -0.11 -2.28 -11.60
N LEU B 215 0.96 -3.08 -11.60
CA LEU B 215 1.87 -3.07 -12.71
C LEU B 215 1.90 -4.42 -13.45
N ASP B 216 1.59 -5.53 -12.74
CA ASP B 216 1.84 -6.92 -13.20
C ASP B 216 0.56 -7.74 -13.05
N LEU B 217 -0.61 -7.11 -13.10
CA LEU B 217 -1.83 -7.86 -12.86
C LEU B 217 -1.99 -8.99 -13.89
N GLU B 218 -1.57 -8.76 -15.14
CA GLU B 218 -1.67 -9.81 -16.21
C GLU B 218 -0.73 -11.01 -15.91
N LEU B 219 0.49 -10.72 -15.46
CA LEU B 219 1.36 -11.80 -15.02
C LEU B 219 0.75 -12.57 -13.87
N ILE B 220 0.16 -11.86 -12.94
CA ILE B 220 -0.45 -12.52 -11.75
C ILE B 220 -1.62 -13.41 -12.15
N GLU B 221 -2.46 -12.93 -13.09
CA GLU B 221 -3.50 -13.75 -13.69
C GLU B 221 -2.89 -15.00 -14.32
N LYS B 222 -1.83 -14.83 -15.13
CA LYS B 222 -1.17 -16.01 -15.81
C LYS B 222 -0.68 -17.02 -14.80
N MET B 223 0.02 -16.54 -13.76
CA MET B 223 0.68 -17.45 -12.83
C MET B 223 -0.36 -18.26 -12.05
N SER B 224 -1.37 -17.54 -11.57
CA SER B 224 -2.40 -18.24 -10.76
C SER B 224 -3.13 -19.30 -11.60
N ARG B 225 -3.37 -18.98 -12.86
CA ARG B 225 -3.95 -19.98 -13.77
C ARG B 225 -3.02 -21.16 -13.95
N PHE B 226 -1.77 -20.95 -14.34
CA PHE B 226 -0.95 -22.15 -14.60
C PHE B 226 -0.55 -22.95 -13.34
N ILE B 227 -0.51 -22.31 -12.18
CA ILE B 227 -0.12 -23.02 -10.97
C ILE B 227 -1.24 -23.96 -10.53
N ARG B 228 -2.49 -23.46 -10.62
CA ARG B 228 -3.68 -24.33 -10.43
C ARG B 228 -3.63 -25.47 -11.45
N GLU B 229 -3.43 -25.16 -12.74
CA GLU B 229 -3.37 -26.21 -13.76
C GLU B 229 -2.23 -27.20 -13.69
N THR B 230 -1.09 -26.78 -13.20
CA THR B 230 0.00 -27.72 -12.98
C THR B 230 -0.28 -28.76 -11.86
N GLY B 231 -1.28 -28.48 -11.04
CA GLY B 231 -1.72 -29.43 -10.08
C GLY B 231 -1.86 -28.93 -8.66
N PHE B 232 -1.55 -27.67 -8.39
CA PHE B 232 -1.89 -27.19 -7.02
C PHE B 232 -3.39 -27.11 -6.81
N ALA B 233 -3.87 -27.52 -5.65
CA ALA B 233 -5.29 -27.53 -5.43
C ALA B 233 -5.88 -26.15 -5.22
N SER B 234 -5.14 -25.19 -4.64
CA SER B 234 -5.69 -23.83 -4.46
C SER B 234 -4.53 -22.85 -4.63
N VAL B 235 -4.86 -21.62 -5.05
CA VAL B 235 -3.89 -20.53 -5.14
C VAL B 235 -4.63 -19.27 -4.74
N GLN B 236 -4.14 -18.52 -3.74
CA GLN B 236 -4.77 -17.26 -3.34
C GLN B 236 -3.69 -16.19 -3.18
N TYR B 237 -3.94 -15.00 -3.70
CA TYR B 237 -2.96 -13.91 -3.69
C TYR B 237 -3.17 -13.06 -2.44
N ALA B 238 -2.10 -12.85 -1.67
CA ALA B 238 -2.14 -12.06 -0.41
C ALA B 238 -1.42 -10.76 -0.71
N LEU B 239 -2.09 -9.61 -0.43
CA LEU B 239 -1.59 -8.26 -0.78
C LEU B 239 -0.98 -7.65 0.53
N MET B 240 0.17 -6.96 0.44
CA MET B 240 0.78 -6.37 1.63
C MET B 240 1.33 -4.97 1.29
N HIS B 241 1.38 -4.11 2.29
CA HIS B 241 1.96 -2.76 2.14
C HIS B 241 3.46 -2.67 2.29
N VAL B 242 4.18 -2.35 1.22
CA VAL B 242 5.62 -2.19 1.36
C VAL B 242 5.97 -0.89 0.65
N PRO B 243 6.21 0.23 1.38
CA PRO B 243 6.44 1.53 0.68
C PRO B 243 7.55 1.49 -0.38
N THR B 244 8.59 0.65 -0.20
CA THR B 244 9.76 0.72 -1.03
C THR B 244 9.82 -0.36 -2.10
N TYR B 245 8.69 -0.98 -2.37
CA TYR B 245 8.57 -1.76 -3.64
C TYR B 245 7.66 -0.93 -4.57
N PRO B 246 7.75 -1.17 -5.89
CA PRO B 246 7.13 -0.22 -6.83
C PRO B 246 5.61 -0.14 -6.64
N CYS B 247 5.14 1.09 -6.51
CA CYS B 247 3.70 1.40 -6.22
C CYS B 247 3.26 1.07 -4.81
N GLY B 248 4.18 0.71 -3.90
CA GLY B 248 3.83 0.72 -2.47
C GLY B 248 3.25 -0.61 -1.97
N SER B 249 3.26 -1.64 -2.81
CA SER B 249 2.78 -2.95 -2.39
C SER B 249 3.41 -4.10 -3.21
N ILE B 250 3.17 -5.32 -2.77
CA ILE B 250 3.68 -6.52 -3.42
C ILE B 250 2.73 -7.59 -2.89
N GLY B 251 2.62 -8.72 -3.59
CA GLY B 251 1.90 -9.82 -2.98
C GLY B 251 2.64 -11.11 -3.05
N THR B 252 1.95 -12.13 -2.56
CA THR B 252 2.46 -13.47 -2.61
C THR B 252 1.35 -14.44 -2.96
N LEU B 253 1.61 -15.32 -3.95
CA LEU B 253 0.65 -16.37 -4.25
C LEU B 253 0.81 -17.46 -3.21
N VAL B 254 -0.23 -17.79 -2.46
CA VAL B 254 -0.11 -18.83 -1.44
C VAL B 254 -0.87 -20.04 -1.98
N CYS B 255 -0.12 -21.14 -2.18
CA CYS B 255 -0.57 -22.30 -2.94
C CYS B 255 -0.57 -23.53 -2.03
N SER B 256 -1.65 -24.31 -2.07
CA SER B 256 -1.73 -25.60 -1.36
C SER B 256 -1.73 -26.82 -2.31
N LYS B 257 -0.84 -27.78 -2.09
CA LYS B 257 -0.88 -29.06 -2.85
C LYS B 257 -2.16 -29.87 -2.53
N LYS B 258 -2.58 -29.85 -1.28
CA LYS B 258 -3.73 -30.64 -0.79
C LYS B 258 -5.01 -29.88 -1.00
N ALA B 259 -6.04 -30.59 -1.44
CA ALA B 259 -7.36 -30.00 -1.71
C ALA B 259 -8.10 -29.72 -0.41
N GLY B 260 -9.03 -28.76 -0.45
CA GLY B 260 -9.90 -28.56 0.71
C GLY B 260 -9.21 -27.76 1.81
N VAL B 261 -8.11 -27.11 1.49
CA VAL B 261 -7.39 -26.26 2.46
C VAL B 261 -7.80 -24.81 2.23
N ASP B 262 -8.13 -24.06 3.28
CA ASP B 262 -8.43 -22.65 3.07
C ASP B 262 -7.27 -21.76 3.57
N VAL B 263 -6.36 -21.33 2.65
CA VAL B 263 -5.12 -20.64 3.16
C VAL B 263 -5.46 -19.22 3.68
N THR B 264 -6.65 -18.73 3.37
CA THR B 264 -7.01 -17.34 3.73
C THR B 264 -7.38 -17.13 5.20
N LYS B 265 -7.62 -18.22 5.91
CA LYS B 265 -7.77 -18.18 7.36
C LYS B 265 -6.64 -19.03 8.01
N PRO B 266 -5.92 -18.49 9.02
CA PRO B 266 -4.77 -19.24 9.63
C PRO B 266 -5.17 -20.62 10.14
N LEU B 267 -4.43 -21.68 9.76
CA LEU B 267 -4.72 -23.01 10.26
C LEU B 267 -4.15 -23.08 11.65
N ARG B 268 -2.98 -22.46 11.81
CA ARG B 268 -2.23 -22.48 13.08
C ARG B 268 -1.96 -21.00 13.43
N PRO B 269 -2.94 -20.31 14.10
CA PRO B 269 -2.76 -18.86 14.31
C PRO B 269 -1.46 -18.56 15.07
N VAL B 270 -0.76 -17.51 14.62
CA VAL B 270 0.48 -17.10 15.27
C VAL B 270 0.25 -16.69 16.74
N GLU B 271 -0.95 -16.17 17.06
CA GLU B 271 -1.32 -15.76 18.42
C GLU B 271 -1.13 -16.92 19.41
N ASP B 272 -1.18 -18.16 18.98
CA ASP B 272 -0.83 -19.27 19.93
C ASP B 272 0.66 -19.58 20.10
N MET B 273 1.57 -18.83 19.47
CA MET B 273 2.95 -19.13 19.58
C MET B 273 3.60 -18.02 20.36
N PRO B 274 4.72 -18.33 21.01
CA PRO B 274 5.30 -17.41 22.00
C PRO B 274 5.89 -16.14 21.39
N PHE B 275 6.09 -16.10 20.07
CA PHE B 275 6.76 -14.95 19.41
C PHE B 275 5.80 -13.95 18.75
N ALA B 276 4.48 -14.14 18.88
CA ALA B 276 3.49 -13.32 18.13
C ALA B 276 3.65 -11.83 18.43
N LYS B 277 3.85 -11.50 19.72
CA LYS B 277 3.92 -10.12 20.10
C LYS B 277 5.24 -9.46 19.65
N ASP B 278 6.21 -10.25 19.18
CA ASP B 278 7.47 -9.72 18.60
C ASP B 278 7.27 -9.20 17.18
N LEU B 279 6.23 -9.62 16.50
CA LEU B 279 6.07 -9.24 15.10
C LEU B 279 5.64 -7.78 14.96
N LYS B 280 6.12 -7.11 13.91
CA LYS B 280 5.76 -5.74 13.66
C LYS B 280 4.64 -5.53 12.64
N TYR B 281 4.36 -6.51 11.79
CA TYR B 281 3.31 -6.34 10.78
C TYR B 281 2.19 -7.42 10.97
N TYR B 282 2.57 -8.68 10.79
CA TYR B 282 1.62 -9.80 10.65
C TYR B 282 0.97 -10.24 11.97
N ASP B 283 -0.32 -10.58 11.87
CA ASP B 283 -1.08 -11.28 12.94
C ASP B 283 -2.26 -11.91 12.17
N SER B 284 -3.15 -12.64 12.83
CA SER B 284 -4.24 -13.35 12.09
C SER B 284 -5.24 -12.43 11.40
N GLU B 285 -5.45 -11.25 11.97
CA GLU B 285 -6.31 -10.23 11.34
C GLU B 285 -5.66 -9.71 10.05
N MET B 286 -4.35 -9.48 10.07
CA MET B 286 -3.68 -9.06 8.86
C MET B 286 -3.63 -10.18 7.78
N HIS B 287 -3.35 -11.44 8.21
CA HIS B 287 -3.46 -12.64 7.36
C HIS B 287 -4.82 -12.63 6.57
N LYS B 288 -5.95 -12.58 7.29
CA LYS B 288 -7.24 -12.61 6.62
C LYS B 288 -7.47 -11.40 5.74
N ALA B 289 -7.16 -10.23 6.24
CA ALA B 289 -7.30 -9.01 5.40
C ALA B 289 -6.49 -8.99 4.13
N SER B 290 -5.28 -9.55 4.19
CA SER B 290 -4.37 -9.53 3.02
C SER B 290 -4.98 -10.24 1.75
N PHE B 291 -6.01 -11.07 1.95
CA PHE B 291 -6.62 -11.82 0.83
C PHE B 291 -7.81 -11.05 0.25
N ALA B 292 -8.24 -9.97 0.91
CA ALA B 292 -9.24 -9.13 0.29
C ALA B 292 -8.61 -8.19 -0.72
N LEU B 293 -9.08 -8.21 -1.94
CA LEU B 293 -8.38 -7.46 -2.97
C LEU B 293 -9.30 -6.37 -3.51
N PRO B 294 -8.74 -5.23 -3.98
CA PRO B 294 -9.54 -4.20 -4.65
C PRO B 294 -10.42 -4.86 -5.70
N ARG B 295 -11.61 -4.31 -5.98
CA ARG B 295 -12.50 -4.94 -6.98
C ARG B 295 -11.80 -5.21 -8.30
N PHE B 296 -10.95 -4.30 -8.78
CA PHE B 296 -10.36 -4.51 -10.09
C PHE B 296 -9.40 -5.73 -10.15
N ALA B 297 -8.92 -6.19 -9.00
CA ALA B 297 -8.00 -7.37 -8.98
C ALA B 297 -8.64 -8.64 -8.37
N ARG B 298 -9.87 -8.51 -7.88
CA ARG B 298 -10.47 -9.60 -7.07
C ARG B 298 -10.67 -10.93 -7.82
N HIS B 299 -10.74 -10.90 -9.16
CA HIS B 299 -10.86 -12.11 -10.02
C HIS B 299 -9.69 -13.08 -9.80
N ILE B 300 -8.49 -12.57 -9.43
CA ILE B 300 -7.34 -13.42 -9.07
C ILE B 300 -7.76 -14.44 -8.00
N ASN B 301 -8.46 -13.98 -6.97
CA ASN B 301 -8.83 -14.85 -5.82
C ASN B 301 -10.21 -15.50 -5.87
N ASN B 302 -11.13 -14.89 -6.62
CA ASN B 302 -12.40 -15.53 -7.09
C ASN B 302 -12.19 -16.28 -8.40
CA S4M C . -7.98 14.11 -3.61
N S4M C . -9.40 14.55 -3.79
CB S4M C . -7.16 15.33 -3.90
CG S4M C . -7.33 16.15 -2.63
SD S4M C . -8.33 17.67 -2.94
CE S4M C . -7.40 18.08 -4.45
C5' S4M C . -7.59 18.72 -1.61
C4' S4M C . -8.21 20.12 -1.50
O4' S4M C . -8.03 20.68 -0.14
C1' S4M C . -8.37 22.06 -0.40
C2' S4M C . -7.36 22.36 -1.50
O2' S4M C . -7.66 23.56 -2.20
C3' S4M C . -7.51 21.12 -2.40
O3' S4M C . -8.33 21.39 -3.51
N9 S4M C . -8.19 22.88 0.79
C8 S4M C . -7.01 23.14 1.44
N7 S4M C . -7.22 23.97 2.47
C5 S4M C . -8.57 24.20 2.49
C6 S4M C . -9.38 24.96 3.34
N6 S4M C . -8.84 25.64 4.43
C4 S4M C . -9.21 23.53 1.48
N3 S4M C . -10.52 23.51 1.23
C2 S4M C . -11.19 24.26 2.12
N1 S4M C . -10.72 24.97 3.16
N1 4JU D . 0.22 13.79 0.58
C5 4JU D . -1.13 13.55 -0.08
C6 4JU D . -2.04 12.99 1.00
C4 4JU D . -1.73 14.86 -0.64
C3 4JU D . -3.21 14.74 -1.07
C2 4JU D . -4.10 14.15 0.01
C1 4JU D . -5.49 13.80 -0.57
C7 4JU D . -3.49 12.80 0.44
CA S4M E . 13.62 -9.45 0.11
N S4M E . 14.03 -10.72 0.75
CB S4M E . 14.61 -9.17 -0.97
CG S4M E . 14.51 -10.24 -2.03
SD S4M E . 15.93 -11.43 -2.07
CE S4M E . 17.32 -10.25 -1.87
C5' S4M E . 15.90 -11.80 -3.89
C4' S4M E . 16.93 -12.86 -4.24
O4' S4M E . 16.52 -13.73 -5.34
C1' S4M E . 17.77 -14.31 -5.77
C2' S4M E . 18.67 -13.07 -5.87
O2' S4M E . 20.03 -13.40 -5.88
C3' S4M E . 18.27 -12.25 -4.66
O3' S4M E . 19.17 -12.41 -3.55
N9 S4M E . 17.65 -15.06 -7.04
C8 S4M E . 17.41 -14.54 -8.30
N7 S4M E . 17.44 -15.51 -9.22
C5 S4M E . 17.69 -16.68 -8.52
C6 S4M E . 17.81 -18.02 -8.91
N6 S4M E . 17.69 -18.40 -10.27
C4 S4M E . 17.84 -16.41 -7.19
N3 S4M E . 18.10 -17.31 -6.23
C2 S4M E . 18.19 -18.56 -6.68
N1 S4M E . 18.06 -18.94 -7.95
N1 4JU F . 10.65 -5.03 -7.44
C5 4JU F . 10.73 -5.76 -6.11
C6 4JU F . 12.03 -6.51 -6.10
C4 4JU F . 9.65 -6.80 -5.98
C3 4JU F . 9.79 -7.65 -4.69
C2 4JU F . 11.17 -8.33 -4.67
C1 4JU F . 11.36 -8.94 -3.31
C7 4JU F . 12.16 -7.19 -4.74
#